data_5EUH
#
_entry.id   5EUH
#
_cell.length_a   141.913
_cell.length_b   141.913
_cell.length_c   106.169
_cell.angle_alpha   90.00
_cell.angle_beta   90.00
_cell.angle_gamma   120.00
#
_symmetry.space_group_name_H-M   'P 62'
#
loop_
_entity.id
_entity.type
_entity.pdbx_description
1 polymer 'Putative GGDEF domain membrane protein'
2 non-polymer "9,9'-[(2R,3R,3aS,5S,7aR,9R,10R,10aS,12S,14aR)-3,5,10,12-tetrahydroxy-5,12-dioxidooctahydro-2H,7H-difuro[3,2-d:3',2'-j][1,3,7,9,2,8]tetraoxadiphosphacyclododecine-2,9-diyl]bis(2-amino-1,9-dihydro-6H-purin-6-one)"
3 non-polymer 'SULFATE ION'
4 water water
#
_entity_poly.entity_id   1
_entity_poly.type   'polypeptide(L)'
_entity_poly.pdbx_seq_one_letter_code
;AATDALTGVANRRMLDQSLRHEWFRAQRSGKPLSLLMIDADHFKAFNDRHGHQAGDQALRELARVITTNVRRPADLVARY
GGEEFSVILAETDSVGAQQIAEHIRAAVEQLSSVNEDQSPMTVSIGISTWTATSEISLEQLLFAADKALYQAKEGGRNRV
VVAALEHHHHHH
;
_entity_poly.pdbx_strand_id   A,B,C,D
#
# COMPACT_ATOMS: atom_id res chain seq x y z
N ALA A 1 8.38 30.39 2.50
CA ALA A 1 8.63 29.97 1.14
C ALA A 1 7.79 28.75 0.78
N ALA A 2 7.22 28.12 1.80
CA ALA A 2 6.44 26.90 1.61
C ALA A 2 5.03 26.97 2.19
N THR A 3 4.74 27.95 3.04
CA THR A 3 3.43 28.06 3.66
C THR A 3 2.78 29.39 3.30
N ASP A 4 1.46 29.45 3.48
CA ASP A 4 0.69 30.64 3.21
C ASP A 4 0.65 31.50 4.47
N ALA A 5 1.08 32.76 4.34
CA ALA A 5 1.24 33.62 5.50
C ALA A 5 -0.07 33.84 6.25
N LEU A 6 -1.18 33.88 5.54
CA LEU A 6 -2.47 34.14 6.19
C LEU A 6 -3.02 32.90 6.87
N THR A 7 -3.09 31.78 6.15
CA THR A 7 -3.76 30.59 6.64
C THR A 7 -2.83 29.64 7.38
N GLY A 8 -1.57 29.54 6.95
CA GLY A 8 -0.62 28.65 7.58
C GLY A 8 -0.47 27.30 6.92
N VAL A 9 -1.30 26.98 5.92
CA VAL A 9 -1.21 25.73 5.19
C VAL A 9 -0.15 25.90 4.10
N ALA A 10 -0.04 24.91 3.21
CA ALA A 10 0.91 25.00 2.11
C ALA A 10 0.47 26.08 1.11
N ASN A 11 1.39 26.43 0.23
CA ASN A 11 1.11 27.42 -0.80
C ASN A 11 0.99 26.72 -2.14
N ARG A 12 0.90 27.49 -3.22
CA ARG A 12 0.55 26.92 -4.51
C ARG A 12 1.67 26.02 -5.05
N ARG A 13 2.88 26.57 -5.18
CA ARG A 13 3.96 25.81 -5.77
C ARG A 13 4.36 24.60 -4.92
N MET A 14 4.03 24.61 -3.64
CA MET A 14 4.22 23.39 -2.85
C MET A 14 3.18 22.34 -3.20
N LEU A 15 1.93 22.75 -3.43
CA LEU A 15 0.90 21.82 -3.85
C LEU A 15 1.25 21.19 -5.20
N ASP A 16 1.64 22.01 -6.18
CA ASP A 16 1.96 21.49 -7.50
C ASP A 16 3.15 20.54 -7.44
N GLN A 17 4.14 20.85 -6.60
CA GLN A 17 5.31 19.99 -6.50
C GLN A 17 4.97 18.68 -5.81
N SER A 18 4.23 18.74 -4.70
CA SER A 18 3.87 17.53 -3.99
C SER A 18 2.94 16.65 -4.82
N LEU A 19 2.06 17.26 -5.62
CA LEU A 19 1.16 16.48 -6.45
C LEU A 19 1.89 15.76 -7.58
N ARG A 20 2.95 16.37 -8.11
CA ARG A 20 3.74 15.70 -9.14
C ARG A 20 4.42 14.45 -8.59
N HIS A 21 4.98 14.55 -7.39
CA HIS A 21 5.63 13.39 -6.78
C HIS A 21 4.60 12.35 -6.33
N GLU A 22 3.50 12.80 -5.73
CA GLU A 22 2.44 11.87 -5.36
C GLU A 22 1.79 11.24 -6.57
N TRP A 23 1.91 11.87 -7.75
CA TRP A 23 1.37 11.29 -8.97
C TRP A 23 2.17 10.06 -9.38
N PHE A 24 3.48 10.20 -9.55
CA PHE A 24 4.32 9.08 -9.96
C PHE A 24 4.31 7.97 -8.92
N ARG A 25 4.07 8.31 -7.65
CA ARG A 25 4.00 7.28 -6.62
C ARG A 25 2.76 6.41 -6.81
N ALA A 26 1.61 7.05 -7.04
CA ALA A 26 0.37 6.30 -7.27
C ALA A 26 0.43 5.50 -8.56
N GLN A 27 1.24 5.94 -9.53
CA GLN A 27 1.40 5.17 -10.76
C GLN A 27 2.00 3.80 -10.46
N ARG A 28 2.91 3.73 -9.48
CA ARG A 28 3.51 2.46 -9.11
C ARG A 28 2.64 1.69 -8.13
N SER A 29 2.16 2.37 -7.08
CA SER A 29 1.40 1.67 -6.04
C SER A 29 0.03 1.25 -6.54
N GLY A 30 -0.53 1.96 -7.52
CA GLY A 30 -1.86 1.65 -7.97
C GLY A 30 -2.95 2.04 -7.00
N LYS A 31 -2.65 2.91 -6.05
CA LYS A 31 -3.60 3.37 -5.05
C LYS A 31 -4.33 4.63 -5.54
N PRO A 32 -5.63 4.73 -5.26
CA PRO A 32 -6.38 5.88 -5.78
C PRO A 32 -5.86 7.20 -5.22
N LEU A 33 -5.82 8.21 -6.10
CA LEU A 33 -5.35 9.55 -5.75
C LEU A 33 -6.48 10.53 -6.03
N SER A 34 -6.98 11.18 -4.99
CA SER A 34 -8.11 12.09 -5.09
C SER A 34 -7.67 13.53 -4.89
N LEU A 35 -8.39 14.44 -5.53
CA LEU A 35 -8.18 15.88 -5.39
C LEU A 35 -9.46 16.54 -4.90
N LEU A 36 -9.28 17.63 -4.15
CA LEU A 36 -10.39 18.46 -3.70
C LEU A 36 -10.10 19.91 -4.07
N MET A 37 -11.06 20.56 -4.71
CA MET A 37 -10.99 21.99 -4.97
C MET A 37 -12.10 22.67 -4.17
N ILE A 38 -11.71 23.55 -3.26
CA ILE A 38 -12.62 24.13 -2.28
C ILE A 38 -12.58 25.64 -2.45
N ASP A 39 -13.65 26.20 -3.01
CA ASP A 39 -13.77 27.63 -3.22
C ASP A 39 -14.84 28.20 -2.29
N ALA A 40 -14.60 29.39 -1.77
CA ALA A 40 -15.57 30.06 -0.92
C ALA A 40 -16.68 30.66 -1.77
N ASP A 41 -17.91 30.57 -1.27
CA ASP A 41 -19.09 31.02 -1.99
C ASP A 41 -19.43 32.46 -1.66
N HIS A 42 -19.75 33.23 -2.69
CA HIS A 42 -20.19 34.63 -2.55
C HIS A 42 -19.20 35.42 -1.70
N PHE A 43 -17.92 35.26 -2.00
CA PHE A 43 -16.88 35.86 -1.16
C PHE A 43 -16.78 37.36 -1.40
N LYS A 44 -16.97 37.81 -2.64
CA LYS A 44 -16.93 39.24 -2.92
C LYS A 44 -18.01 39.97 -2.13
N ALA A 45 -19.23 39.41 -2.12
CA ALA A 45 -20.30 39.99 -1.30
C ALA A 45 -19.96 39.91 0.18
N PHE A 46 -19.21 38.89 0.59
CA PHE A 46 -18.84 38.77 1.99
C PHE A 46 -17.92 39.90 2.41
N ASN A 47 -16.93 40.24 1.58
CA ASN A 47 -16.03 41.34 1.90
C ASN A 47 -16.74 42.69 1.82
N ASP A 48 -17.80 42.79 1.00
CA ASP A 48 -18.53 44.05 0.93
C ASP A 48 -19.32 44.29 2.21
N ARG A 49 -19.96 43.25 2.75
CA ARG A 49 -20.74 43.41 3.96
C ARG A 49 -19.85 43.62 5.18
N HIS A 50 -18.91 42.70 5.42
CA HIS A 50 -18.20 42.64 6.68
C HIS A 50 -16.78 43.19 6.62
N GLY A 51 -16.24 43.45 5.43
CA GLY A 51 -14.92 44.05 5.31
C GLY A 51 -13.85 43.02 4.98
N HIS A 52 -12.66 43.56 4.69
CA HIS A 52 -11.55 42.71 4.28
C HIS A 52 -10.93 41.94 5.44
N GLN A 53 -11.10 42.40 6.67
CA GLN A 53 -10.56 41.65 7.80
C GLN A 53 -11.40 40.42 8.12
N ALA A 54 -12.73 40.54 7.98
CA ALA A 54 -13.59 39.39 8.25
C ALA A 54 -13.45 38.32 7.18
N GLY A 55 -13.19 38.73 5.93
CA GLY A 55 -12.92 37.74 4.91
C GLY A 55 -11.64 36.98 5.16
N ASP A 56 -10.59 37.67 5.62
CA ASP A 56 -9.37 36.98 6.00
C ASP A 56 -9.61 36.04 7.17
N GLN A 57 -10.40 36.47 8.14
CA GLN A 57 -10.74 35.60 9.27
C GLN A 57 -11.60 34.43 8.82
N ALA A 58 -12.45 34.64 7.81
CA ALA A 58 -13.25 33.54 7.29
C ALA A 58 -12.40 32.55 6.51
N LEU A 59 -11.31 33.01 5.90
CA LEU A 59 -10.42 32.10 5.20
C LEU A 59 -9.64 31.24 6.19
N ARG A 60 -9.17 31.83 7.29
CA ARG A 60 -8.46 31.08 8.31
C ARG A 60 -9.36 30.03 8.95
N GLU A 61 -10.63 30.37 9.18
CA GLU A 61 -11.56 29.40 9.72
C GLU A 61 -11.80 28.27 8.72
N LEU A 62 -11.95 28.61 7.44
CA LEU A 62 -12.07 27.58 6.42
C LEU A 62 -10.84 26.70 6.37
N ALA A 63 -9.65 27.29 6.51
CA ALA A 63 -8.42 26.51 6.52
C ALA A 63 -8.39 25.59 7.74
N ARG A 64 -8.83 26.08 8.90
CA ARG A 64 -8.87 25.25 10.10
C ARG A 64 -9.85 24.09 9.96
N VAL A 65 -10.95 24.31 9.25
CA VAL A 65 -11.94 23.25 9.07
C VAL A 65 -11.38 22.14 8.19
N ILE A 66 -10.70 22.52 7.10
CA ILE A 66 -10.15 21.53 6.18
C ILE A 66 -9.07 20.69 6.88
N THR A 67 -8.12 21.37 7.52
CA THR A 67 -7.05 20.66 8.21
C THR A 67 -7.57 19.83 9.37
N THR A 68 -8.73 20.17 9.93
CA THR A 68 -9.36 19.33 10.94
C THR A 68 -9.94 18.06 10.35
N ASN A 69 -10.27 18.07 9.06
CA ASN A 69 -10.82 16.91 8.39
C ASN A 69 -9.83 16.21 7.48
N VAL A 70 -8.61 16.72 7.37
CA VAL A 70 -7.57 16.16 6.53
C VAL A 70 -6.32 16.01 7.39
N ARG A 71 -5.99 14.78 7.77
CA ARG A 71 -5.06 14.56 8.88
C ARG A 71 -4.00 13.50 8.64
N ARG A 72 -3.99 12.81 7.51
CA ARG A 72 -3.07 11.70 7.34
C ARG A 72 -1.75 12.16 6.73
N PRO A 73 -0.69 11.36 6.88
CA PRO A 73 0.64 11.82 6.41
C PRO A 73 0.70 12.13 4.93
N ALA A 74 0.05 11.34 4.09
CA ALA A 74 0.11 11.50 2.64
C ALA A 74 -0.87 12.53 2.12
N ASP A 75 -1.47 13.33 3.01
CA ASP A 75 -2.40 14.38 2.63
C ASP A 75 -1.70 15.74 2.71
N LEU A 76 -2.11 16.65 1.83
CA LEU A 76 -1.59 18.01 1.84
C LEU A 76 -2.75 18.97 1.63
N VAL A 77 -2.71 20.10 2.34
CA VAL A 77 -3.70 21.16 2.21
C VAL A 77 -2.96 22.44 1.86
N ALA A 78 -3.36 23.08 0.77
CA ALA A 78 -2.66 24.26 0.29
C ALA A 78 -3.65 25.37 -0.07
N ARG A 79 -3.15 26.61 -0.01
CA ARG A 79 -3.89 27.78 -0.48
C ARG A 79 -3.58 27.91 -1.97
N TYR A 80 -4.51 27.45 -2.80
CA TYR A 80 -4.29 27.40 -4.24
C TYR A 80 -4.71 28.68 -4.95
N GLY A 81 -5.34 29.60 -4.25
CA GLY A 81 -5.74 30.87 -4.84
C GLY A 81 -6.19 31.83 -3.78
N GLY A 82 -6.48 33.05 -4.20
CA GLY A 82 -6.91 34.08 -3.27
C GLY A 82 -8.14 33.71 -2.48
N GLU A 83 -8.93 32.77 -3.01
CA GLU A 83 -10.13 32.31 -2.34
C GLU A 83 -10.33 30.80 -2.45
N GLU A 84 -9.40 30.06 -3.04
CA GLU A 84 -9.52 28.63 -3.22
C GLU A 84 -8.65 27.88 -2.21
N PHE A 85 -8.94 26.60 -2.06
CA PHE A 85 -8.10 25.67 -1.31
C PHE A 85 -8.08 24.35 -2.06
N SER A 86 -6.88 23.83 -2.29
CA SER A 86 -6.70 22.52 -2.91
C SER A 86 -6.05 21.57 -1.91
N VAL A 87 -6.57 20.35 -1.84
CA VAL A 87 -6.04 19.33 -0.93
C VAL A 87 -5.74 18.07 -1.72
N ILE A 88 -4.64 17.41 -1.37
CA ILE A 88 -4.27 16.12 -1.94
C ILE A 88 -4.70 15.03 -0.96
N LEU A 89 -5.37 14.01 -1.47
CA LEU A 89 -5.81 12.87 -0.68
C LEU A 89 -5.19 11.63 -1.30
N ALA A 90 -3.92 11.40 -1.00
CA ALA A 90 -3.24 10.23 -1.52
C ALA A 90 -3.81 8.97 -0.89
N GLU A 91 -3.84 7.89 -1.68
CA GLU A 91 -4.33 6.59 -1.23
C GLU A 91 -5.74 6.69 -0.66
N THR A 92 -6.56 7.53 -1.28
CA THR A 92 -7.95 7.72 -0.90
C THR A 92 -8.81 7.58 -2.14
N ASP A 93 -9.83 6.72 -2.07
CA ASP A 93 -10.70 6.50 -3.21
C ASP A 93 -11.76 7.59 -3.28
N SER A 94 -12.60 7.53 -4.33
CA SER A 94 -13.59 8.58 -4.55
C SER A 94 -14.63 8.59 -3.44
N VAL A 95 -15.03 7.41 -2.95
CA VAL A 95 -16.06 7.34 -1.93
C VAL A 95 -15.60 8.03 -0.65
N GLY A 96 -14.38 7.73 -0.20
CA GLY A 96 -13.86 8.36 1.00
C GLY A 96 -13.60 9.84 0.82
N ALA A 97 -13.23 10.27 -0.40
CA ALA A 97 -13.00 11.68 -0.66
C ALA A 97 -14.29 12.48 -0.54
N GLN A 98 -15.44 11.88 -0.91
CA GLN A 98 -16.71 12.57 -0.78
C GLN A 98 -17.08 12.78 0.68
N GLN A 99 -16.81 11.77 1.52
CA GLN A 99 -17.12 11.90 2.94
C GLN A 99 -16.32 13.02 3.59
N ILE A 100 -15.06 13.16 3.21
CA ILE A 100 -14.25 14.27 3.70
C ILE A 100 -14.85 15.59 3.25
N ALA A 101 -15.31 15.65 1.99
CA ALA A 101 -15.87 16.88 1.45
C ALA A 101 -17.17 17.26 2.15
N GLU A 102 -18.03 16.27 2.40
CA GLU A 102 -19.28 16.55 3.10
C GLU A 102 -19.03 17.06 4.51
N HIS A 103 -18.04 16.48 5.21
CA HIS A 103 -17.68 16.96 6.53
C HIS A 103 -17.21 18.41 6.47
N ILE A 104 -16.37 18.73 5.49
CA ILE A 104 -15.85 20.09 5.35
C ILE A 104 -16.98 21.05 5.00
N ARG A 105 -17.82 20.66 4.04
CA ARG A 105 -18.92 21.54 3.62
C ARG A 105 -19.88 21.78 4.78
N ALA A 106 -20.30 20.72 5.46
CA ALA A 106 -21.25 20.87 6.56
C ALA A 106 -20.68 21.71 7.69
N ALA A 107 -19.39 21.55 7.98
CA ALA A 107 -18.78 22.28 9.09
C ALA A 107 -18.70 23.78 8.80
N VAL A 108 -18.40 24.14 7.55
CA VAL A 108 -18.34 25.55 7.18
C VAL A 108 -19.72 26.17 7.26
N GLU A 109 -20.75 25.43 6.85
CA GLU A 109 -22.11 25.94 6.88
C GLU A 109 -22.55 26.24 8.31
N GLN A 110 -22.12 25.40 9.26
CA GLN A 110 -22.50 25.56 10.66
C GLN A 110 -21.56 26.48 11.44
N LEU A 111 -20.56 27.07 10.79
CA LEU A 111 -19.63 27.93 11.51
C LEU A 111 -20.31 29.16 12.08
N SER A 112 -21.41 29.61 11.46
CA SER A 112 -22.11 30.78 11.97
C SER A 112 -22.98 30.44 13.16
N SER A 113 -23.56 29.23 13.18
CA SER A 113 -24.43 28.86 14.28
C SER A 113 -23.63 28.60 15.55
N VAL A 114 -22.47 27.94 15.43
CA VAL A 114 -21.71 27.54 16.61
C VAL A 114 -20.98 28.72 17.24
N ASN A 115 -20.56 29.71 16.44
CA ASN A 115 -19.84 30.86 16.94
C ASN A 115 -20.58 32.12 16.53
N GLU A 116 -20.88 32.98 17.50
CA GLU A 116 -21.72 34.15 17.22
C GLU A 116 -21.03 35.11 16.25
N ASP A 117 -19.70 35.25 16.38
CA ASP A 117 -18.98 36.25 15.61
C ASP A 117 -18.96 35.93 14.11
N GLN A 118 -18.89 34.64 13.76
CA GLN A 118 -18.82 34.27 12.36
C GLN A 118 -20.11 34.62 11.62
N SER A 119 -19.98 35.06 10.38
CA SER A 119 -21.12 35.31 9.52
C SER A 119 -21.42 34.08 8.69
N PRO A 120 -22.69 33.90 8.28
CA PRO A 120 -23.05 32.72 7.49
C PRO A 120 -22.20 32.60 6.24
N MET A 121 -21.81 31.37 5.93
CA MET A 121 -20.86 31.12 4.84
C MET A 121 -20.97 29.68 4.39
N THR A 122 -20.70 29.45 3.11
CA THR A 122 -20.70 28.12 2.53
C THR A 122 -19.50 27.99 1.60
N VAL A 123 -19.25 26.75 1.17
CA VAL A 123 -18.17 26.44 0.24
C VAL A 123 -18.69 25.48 -0.81
N SER A 124 -18.08 25.53 -1.98
CA SER A 124 -18.34 24.60 -3.06
C SER A 124 -17.10 23.74 -3.29
N ILE A 125 -17.31 22.45 -3.56
CA ILE A 125 -16.22 21.48 -3.58
C ILE A 125 -16.33 20.65 -4.85
N GLY A 126 -15.23 20.51 -5.56
CA GLY A 126 -15.13 19.61 -6.70
C GLY A 126 -14.12 18.53 -6.44
N ILE A 127 -14.43 17.30 -6.85
CA ILE A 127 -13.62 16.14 -6.58
C ILE A 127 -13.27 15.43 -7.88
N SER A 128 -12.00 15.05 -8.02
CA SER A 128 -11.56 14.14 -9.07
C SER A 128 -10.75 13.03 -8.42
N THR A 129 -10.62 11.91 -9.11
CA THR A 129 -9.99 10.73 -8.53
C THR A 129 -9.34 9.90 -9.63
N TRP A 130 -8.06 9.60 -9.46
CA TRP A 130 -7.35 8.69 -10.35
C TRP A 130 -7.37 7.30 -9.75
N THR A 131 -7.64 6.29 -10.57
CA THR A 131 -7.61 4.90 -10.12
C THR A 131 -6.64 4.11 -11.00
N ALA A 132 -6.31 2.91 -10.53
CA ALA A 132 -5.20 2.16 -11.13
C ALA A 132 -5.45 1.80 -12.58
N THR A 133 -6.71 1.69 -13.00
CA THR A 133 -7.05 1.36 -14.37
C THR A 133 -7.35 2.59 -15.23
N SER A 134 -7.35 3.78 -14.64
CA SER A 134 -7.60 4.99 -15.40
C SER A 134 -6.41 5.32 -16.30
N GLU A 135 -6.71 5.97 -17.42
CA GLU A 135 -5.69 6.35 -18.39
C GLU A 135 -5.43 7.84 -18.43
N ILE A 136 -6.07 8.62 -17.56
CA ILE A 136 -5.94 10.07 -17.58
C ILE A 136 -4.54 10.45 -17.13
N SER A 137 -4.19 11.72 -17.32
CA SER A 137 -2.91 12.26 -16.90
C SER A 137 -3.11 13.16 -15.68
N LEU A 138 -2.01 13.76 -15.23
CA LEU A 138 -2.09 14.63 -14.06
C LEU A 138 -2.81 15.92 -14.40
N GLU A 139 -2.60 16.45 -15.61
CA GLU A 139 -3.31 17.66 -16.02
C GLU A 139 -4.80 17.41 -16.16
N GLN A 140 -5.17 16.22 -16.65
CA GLN A 140 -6.58 15.87 -16.75
C GLN A 140 -7.19 15.66 -15.37
N LEU A 141 -6.41 15.18 -14.41
CA LEU A 141 -6.90 15.01 -13.05
C LEU A 141 -7.20 16.35 -12.40
N LEU A 142 -6.29 17.31 -12.55
CA LEU A 142 -6.53 18.65 -12.02
C LEU A 142 -7.66 19.33 -12.76
N PHE A 143 -7.79 19.08 -14.07
CA PHE A 143 -8.85 19.70 -14.84
C PHE A 143 -10.22 19.21 -14.39
N ALA A 144 -10.34 17.92 -14.10
CA ALA A 144 -11.64 17.38 -13.70
C ALA A 144 -12.09 17.92 -12.35
N ALA A 145 -11.15 18.31 -11.49
CA ALA A 145 -11.54 18.81 -10.17
C ALA A 145 -11.99 20.26 -10.22
N ASP A 146 -11.33 21.09 -11.03
CA ASP A 146 -11.78 22.47 -11.20
C ASP A 146 -13.09 22.53 -11.97
N LYS A 147 -13.26 21.64 -12.95
CA LYS A 147 -14.52 21.60 -13.69
C LYS A 147 -15.67 21.18 -12.78
N ALA A 148 -15.46 20.17 -11.93
CA ALA A 148 -16.48 19.78 -10.97
C ALA A 148 -16.74 20.89 -9.96
N LEU A 149 -15.71 21.66 -9.62
CA LEU A 149 -15.90 22.82 -8.76
C LEU A 149 -16.73 23.88 -9.49
N TYR A 150 -16.50 24.03 -10.79
CA TYR A 150 -17.32 24.95 -11.59
C TYR A 150 -18.77 24.48 -11.64
N GLN A 151 -18.98 23.18 -11.82
CA GLN A 151 -20.35 22.65 -11.83
C GLN A 151 -21.01 22.79 -10.46
N ALA A 152 -20.22 22.87 -9.38
CA ALA A 152 -20.80 23.11 -8.07
C ALA A 152 -21.27 24.55 -7.94
N LYS A 153 -20.51 25.50 -8.49
CA LYS A 153 -20.94 26.88 -8.47
C LYS A 153 -22.14 27.12 -9.37
N GLU A 154 -22.25 26.36 -10.47
CA GLU A 154 -23.33 26.59 -11.43
C GLU A 154 -24.66 26.11 -10.87
N GLY A 155 -24.73 24.84 -10.46
CA GLY A 155 -25.98 24.28 -9.98
C GLY A 155 -26.35 24.71 -8.57
N GLY A 156 -26.13 25.99 -8.25
CA GLY A 156 -26.35 26.46 -6.90
C GLY A 156 -25.17 26.12 -6.01
N ARG A 157 -24.66 27.09 -5.27
CA ARG A 157 -23.46 26.90 -4.48
C ARG A 157 -23.76 26.00 -3.27
N ASN A 158 -22.76 25.80 -2.43
CA ASN A 158 -22.86 25.01 -1.21
C ASN A 158 -23.23 23.55 -1.52
N ARG A 159 -22.32 22.87 -2.22
CA ARG A 159 -22.50 21.47 -2.51
C ARG A 159 -21.18 20.88 -3.00
N VAL A 160 -21.16 19.55 -3.10
CA VAL A 160 -20.00 18.80 -3.53
C VAL A 160 -20.36 18.09 -4.84
N VAL A 161 -19.52 18.29 -5.86
CA VAL A 161 -19.74 17.68 -7.17
C VAL A 161 -18.53 16.81 -7.49
N VAL A 162 -18.81 15.56 -7.87
CA VAL A 162 -17.77 14.60 -8.24
C VAL A 162 -17.66 14.59 -9.77
N ALA A 163 -16.43 14.68 -10.27
CA ALA A 163 -16.21 14.63 -11.70
C ALA A 163 -16.56 13.27 -12.26
N ALA A 164 -16.62 13.19 -13.58
CA ALA A 164 -16.99 11.95 -14.26
C ALA A 164 -15.94 11.56 -15.30
N ALA B 1 19.48 24.98 -2.74
CA ALA B 1 19.09 24.89 -1.33
C ALA B 1 18.51 23.53 -1.03
N ALA B 2 18.36 22.70 -2.05
CA ALA B 2 17.79 21.37 -1.90
C ALA B 2 18.64 20.27 -2.52
N THR B 3 19.66 20.60 -3.31
CA THR B 3 20.51 19.61 -3.94
C THR B 3 21.97 19.86 -3.59
N ASP B 4 22.79 18.82 -3.77
CA ASP B 4 24.21 18.89 -3.53
C ASP B 4 24.90 19.37 -4.80
N ALA B 5 25.63 20.48 -4.70
CA ALA B 5 26.21 21.11 -5.89
C ALA B 5 27.17 20.19 -6.62
N LEU B 6 27.90 19.33 -5.88
CA LEU B 6 28.89 18.49 -6.52
C LEU B 6 28.25 17.28 -7.19
N THR B 7 27.36 16.59 -6.48
CA THR B 7 26.81 15.32 -6.95
C THR B 7 25.49 15.47 -7.68
N GLY B 8 24.69 16.48 -7.31
CA GLY B 8 23.39 16.68 -7.93
C GLY B 8 22.24 15.97 -7.25
N VAL B 9 22.50 15.17 -6.22
CA VAL B 9 21.45 14.49 -5.47
C VAL B 9 20.93 15.43 -4.40
N ALA B 10 20.11 14.93 -3.50
CA ALA B 10 19.60 15.74 -2.40
C ALA B 10 20.71 16.07 -1.42
N ASN B 11 20.46 17.06 -0.57
CA ASN B 11 21.41 17.46 0.45
C ASN B 11 20.96 16.90 1.80
N ARG B 12 21.66 17.31 2.87
CA ARG B 12 21.44 16.66 4.16
C ARG B 12 20.08 17.01 4.74
N ARG B 13 19.73 18.30 4.77
CA ARG B 13 18.46 18.70 5.38
C ARG B 13 17.26 18.24 4.56
N MET B 14 17.42 18.01 3.26
CA MET B 14 16.35 17.40 2.48
C MET B 14 16.13 15.96 2.92
N LEU B 15 17.22 15.21 3.12
CA LEU B 15 17.12 13.84 3.59
C LEU B 15 16.39 13.76 4.92
N ASP B 16 16.69 14.68 5.84
CA ASP B 16 16.15 14.59 7.19
C ASP B 16 14.64 14.79 7.20
N GLN B 17 14.14 15.81 6.51
CA GLN B 17 12.70 16.06 6.54
C GLN B 17 11.94 15.11 5.63
N SER B 18 12.57 14.62 4.56
CA SER B 18 11.95 13.57 3.77
C SER B 18 11.80 12.29 4.60
N LEU B 19 12.74 12.05 5.51
CA LEU B 19 12.67 10.86 6.34
C LEU B 19 11.64 11.00 7.44
N ARG B 20 11.46 12.22 7.97
CA ARG B 20 10.42 12.45 8.97
C ARG B 20 9.05 12.15 8.39
N HIS B 21 8.78 12.66 7.19
CA HIS B 21 7.49 12.42 6.55
C HIS B 21 7.33 10.97 6.13
N GLU B 22 8.39 10.36 5.59
CA GLU B 22 8.31 8.95 5.21
C GLU B 22 8.19 8.07 6.44
N TRP B 23 8.65 8.55 7.60
CA TRP B 23 8.49 7.80 8.85
C TRP B 23 7.02 7.73 9.25
N PHE B 24 6.36 8.88 9.38
CA PHE B 24 4.96 8.87 9.79
C PHE B 24 4.07 8.22 8.75
N ARG B 25 4.46 8.26 7.47
CA ARG B 25 3.69 7.56 6.45
C ARG B 25 3.78 6.05 6.65
N ALA B 26 4.99 5.54 6.93
CA ALA B 26 5.14 4.11 7.17
C ALA B 26 4.45 3.66 8.45
N GLN B 27 4.31 4.56 9.44
CA GLN B 27 3.62 4.19 10.66
C GLN B 27 2.16 3.85 10.39
N ARG B 28 1.54 4.55 9.44
CA ARG B 28 0.17 4.25 9.07
C ARG B 28 0.09 3.07 8.11
N SER B 29 0.93 3.08 7.07
CA SER B 29 0.82 2.06 6.04
C SER B 29 1.27 0.69 6.54
N GLY B 30 2.18 0.66 7.51
CA GLY B 30 2.77 -0.60 7.91
C GLY B 30 3.75 -1.16 6.91
N LYS B 31 4.17 -0.37 5.94
CA LYS B 31 5.14 -0.82 4.94
C LYS B 31 6.56 -0.69 5.48
N PRO B 32 7.45 -1.62 5.15
CA PRO B 32 8.82 -1.55 5.67
C PRO B 32 9.54 -0.30 5.18
N LEU B 33 10.42 0.21 6.02
CA LEU B 33 11.21 1.41 5.73
C LEU B 33 12.67 1.11 5.99
N SER B 34 13.47 1.09 4.93
CA SER B 34 14.89 0.76 5.02
C SER B 34 15.76 1.99 4.79
N LEU B 35 16.92 1.99 5.44
CA LEU B 35 17.92 3.04 5.28
C LEU B 35 19.23 2.44 4.77
N LEU B 36 19.96 3.23 4.01
CA LEU B 36 21.30 2.88 3.55
C LEU B 36 22.26 3.99 3.93
N MET B 37 23.39 3.63 4.53
CA MET B 37 24.49 4.54 4.78
C MET B 37 25.68 4.04 3.97
N ILE B 38 26.17 4.88 3.08
CA ILE B 38 27.18 4.48 2.10
C ILE B 38 28.35 5.44 2.23
N ASP B 39 29.47 4.96 2.74
CA ASP B 39 30.67 5.74 2.94
C ASP B 39 31.76 5.24 2.00
N ALA B 40 32.57 6.17 1.50
CA ALA B 40 33.70 5.82 0.65
C ALA B 40 34.86 5.33 1.51
N ASP B 41 35.45 4.20 1.12
CA ASP B 41 36.50 3.57 1.90
C ASP B 41 37.88 4.11 1.51
N HIS B 42 38.71 4.37 2.53
CA HIS B 42 40.08 4.85 2.35
C HIS B 42 40.10 6.08 1.45
N PHE B 43 39.18 7.01 1.72
CA PHE B 43 39.04 8.18 0.86
C PHE B 43 40.19 9.16 1.06
N LYS B 44 40.63 9.35 2.30
CA LYS B 44 41.78 10.21 2.54
C LYS B 44 43.00 9.71 1.78
N ALA B 45 43.27 8.41 1.87
CA ALA B 45 44.36 7.82 1.10
C ALA B 45 44.11 7.97 -0.40
N PHE B 46 42.84 7.88 -0.82
CA PHE B 46 42.52 8.06 -2.22
C PHE B 46 42.81 9.49 -2.67
N ASN B 47 42.47 10.48 -1.85
CA ASN B 47 42.72 11.87 -2.22
C ASN B 47 44.20 12.18 -2.25
N ASP B 48 44.99 11.57 -1.37
CA ASP B 48 46.43 11.83 -1.35
C ASP B 48 47.10 11.30 -2.61
N ARG B 49 46.72 10.10 -3.05
CA ARG B 49 47.35 9.50 -4.23
C ARG B 49 46.97 10.25 -5.50
N HIS B 50 45.68 10.54 -5.68
CA HIS B 50 45.16 11.00 -6.96
C HIS B 50 44.76 12.46 -6.98
N GLY B 51 44.69 13.13 -5.83
CA GLY B 51 44.39 14.54 -5.80
C GLY B 51 42.95 14.83 -5.40
N HIS B 52 42.72 16.13 -5.12
CA HIS B 52 41.38 16.55 -4.69
C HIS B 52 40.38 16.47 -5.82
N GLN B 53 40.81 16.64 -7.07
CA GLN B 53 39.89 16.56 -8.19
C GLN B 53 39.36 15.14 -8.39
N ALA B 54 40.26 14.15 -8.36
CA ALA B 54 39.84 12.77 -8.55
C ALA B 54 38.86 12.33 -7.48
N GLY B 55 39.01 12.85 -6.25
CA GLY B 55 38.05 12.53 -5.21
C GLY B 55 36.65 13.05 -5.53
N ASP B 56 36.56 14.28 -6.04
CA ASP B 56 35.27 14.82 -6.45
C ASP B 56 34.68 13.99 -7.59
N GLN B 57 35.51 13.65 -8.58
CA GLN B 57 35.03 12.81 -9.67
C GLN B 57 34.70 11.41 -9.19
N ALA B 58 35.40 10.93 -8.15
CA ALA B 58 35.08 9.62 -7.60
C ALA B 58 33.79 9.66 -6.78
N LEU B 59 33.43 10.82 -6.24
CA LEU B 59 32.17 10.94 -5.53
C LEU B 59 31.00 10.99 -6.50
N ARG B 60 31.16 11.72 -7.61
CA ARG B 60 30.09 11.78 -8.61
C ARG B 60 29.82 10.41 -9.21
N GLU B 61 30.88 9.64 -9.47
CA GLU B 61 30.68 8.27 -9.95
C GLU B 61 29.93 7.43 -8.92
N LEU B 62 30.30 7.57 -7.64
CA LEU B 62 29.55 6.89 -6.59
C LEU B 62 28.11 7.37 -6.56
N ALA B 63 27.89 8.68 -6.74
CA ALA B 63 26.53 9.20 -6.80
C ALA B 63 25.77 8.63 -8.00
N ARG B 64 26.43 8.53 -9.15
CA ARG B 64 25.78 7.99 -10.33
C ARG B 64 25.45 6.51 -10.16
N VAL B 65 26.32 5.75 -9.49
CA VAL B 65 26.07 4.33 -9.29
C VAL B 65 24.85 4.12 -8.40
N ILE B 66 24.71 4.93 -7.35
CA ILE B 66 23.59 4.78 -6.43
C ILE B 66 22.28 5.13 -7.12
N THR B 67 22.26 6.25 -7.84
CA THR B 67 21.03 6.72 -8.45
C THR B 67 20.55 5.83 -9.60
N THR B 68 21.45 5.05 -10.21
CA THR B 68 21.03 4.08 -11.20
C THR B 68 20.62 2.75 -10.58
N ASN B 69 20.74 2.62 -9.26
CA ASN B 69 20.26 1.46 -8.54
C ASN B 69 19.12 1.79 -7.59
N VAL B 70 18.77 3.07 -7.48
CA VAL B 70 17.70 3.53 -6.60
C VAL B 70 16.83 4.44 -7.47
N ARG B 71 15.67 3.93 -7.90
CA ARG B 71 14.95 4.54 -9.01
C ARG B 71 13.45 4.73 -8.77
N ARG B 72 12.91 4.32 -7.64
CA ARG B 72 11.47 4.35 -7.47
C ARG B 72 11.01 5.68 -6.89
N PRO B 73 9.71 6.02 -7.03
CA PRO B 73 9.26 7.35 -6.61
C PRO B 73 9.48 7.67 -5.13
N ALA B 74 9.24 6.70 -4.24
CA ALA B 74 9.35 6.92 -2.81
C ALA B 74 10.77 6.79 -2.30
N ASP B 75 11.76 6.73 -3.19
CA ASP B 75 13.15 6.65 -2.82
C ASP B 75 13.81 8.03 -2.88
N LEU B 76 14.83 8.20 -2.05
CA LEU B 76 15.60 9.45 -2.04
C LEU B 76 17.07 9.11 -1.87
N VAL B 77 17.92 9.82 -2.60
CA VAL B 77 19.37 9.69 -2.48
C VAL B 77 19.93 11.06 -2.13
N ALA B 78 20.66 11.14 -1.02
CA ALA B 78 21.16 12.41 -0.53
C ALA B 78 22.64 12.32 -0.20
N ARG B 79 23.31 13.47 -0.28
CA ARG B 79 24.70 13.62 0.16
C ARG B 79 24.66 13.94 1.65
N TYR B 80 24.93 12.95 2.48
CA TYR B 80 24.79 13.06 3.92
C TYR B 80 26.09 13.43 4.62
N GLY B 81 27.17 13.67 3.88
CA GLY B 81 28.43 14.05 4.48
C GLY B 81 29.46 14.24 3.39
N GLY B 82 30.62 14.75 3.81
CA GLY B 82 31.69 15.03 2.87
C GLY B 82 32.14 13.81 2.09
N GLU B 83 31.90 12.61 2.61
CA GLU B 83 32.31 11.38 1.94
C GLU B 83 31.25 10.29 2.04
N GLU B 84 30.02 10.64 2.41
CA GLU B 84 28.98 9.67 2.68
C GLU B 84 27.76 9.94 1.81
N PHE B 85 26.89 8.94 1.73
CA PHE B 85 25.61 9.04 1.06
C PHE B 85 24.58 8.27 1.86
N SER B 86 23.42 8.88 2.09
CA SER B 86 22.29 8.22 2.73
C SER B 86 21.13 8.15 1.74
N VAL B 87 20.46 7.00 1.69
CA VAL B 87 19.33 6.81 0.79
C VAL B 87 18.15 6.26 1.59
N ILE B 88 16.94 6.72 1.24
CA ILE B 88 15.71 6.23 1.82
C ILE B 88 15.09 5.25 0.84
N LEU B 89 14.76 4.05 1.32
CA LEU B 89 14.11 3.02 0.52
C LEU B 89 12.75 2.76 1.15
N ALA B 90 11.80 3.63 0.85
CA ALA B 90 10.46 3.47 1.38
C ALA B 90 9.78 2.26 0.77
N GLU B 91 8.95 1.59 1.56
CA GLU B 91 8.21 0.40 1.13
C GLU B 91 9.15 -0.66 0.57
N THR B 92 10.28 -0.87 1.25
CA THR B 92 11.28 -1.84 0.85
C THR B 92 11.72 -2.60 2.09
N ASP B 93 11.62 -3.92 2.06
CA ASP B 93 12.01 -4.72 3.21
C ASP B 93 13.53 -4.90 3.24
N SER B 94 14.00 -5.55 4.30
CA SER B 94 15.44 -5.69 4.51
C SER B 94 16.09 -6.49 3.39
N VAL B 95 15.44 -7.57 2.94
CA VAL B 95 16.01 -8.41 1.89
C VAL B 95 16.23 -7.61 0.62
N GLY B 96 15.22 -6.84 0.21
CA GLY B 96 15.35 -6.04 -1.00
C GLY B 96 16.40 -4.95 -0.86
N ALA B 97 16.55 -4.40 0.34
CA ALA B 97 17.56 -3.36 0.56
C ALA B 97 18.96 -3.92 0.41
N GLN B 98 19.17 -5.18 0.80
CA GLN B 98 20.49 -5.79 0.68
C GLN B 98 20.90 -5.97 -0.76
N GLN B 99 19.95 -6.38 -1.62
CA GLN B 99 20.25 -6.57 -3.03
C GLN B 99 20.62 -5.25 -3.70
N ILE B 100 19.95 -4.16 -3.31
CA ILE B 100 20.34 -2.85 -3.81
C ILE B 100 21.76 -2.52 -3.38
N ALA B 101 22.08 -2.82 -2.12
CA ALA B 101 23.40 -2.50 -1.59
C ALA B 101 24.48 -3.34 -2.28
N GLU B 102 24.21 -4.62 -2.51
CA GLU B 102 25.19 -5.45 -3.20
C GLU B 102 25.41 -4.98 -4.63
N HIS B 103 24.33 -4.52 -5.30
CA HIS B 103 24.49 -3.94 -6.63
C HIS B 103 25.37 -2.70 -6.60
N ILE B 104 25.17 -1.84 -5.60
CA ILE B 104 25.96 -0.62 -5.50
C ILE B 104 27.40 -0.95 -5.14
N ARG B 105 27.60 -1.85 -4.17
CA ARG B 105 28.94 -2.20 -3.74
C ARG B 105 29.73 -2.83 -4.89
N ALA B 106 29.13 -3.78 -5.58
CA ALA B 106 29.83 -4.46 -6.67
C ALA B 106 30.11 -3.52 -7.82
N ALA B 107 29.18 -2.62 -8.13
CA ALA B 107 29.37 -1.71 -9.26
C ALA B 107 30.49 -0.72 -8.98
N VAL B 108 30.54 -0.17 -7.77
CA VAL B 108 31.61 0.75 -7.41
C VAL B 108 32.96 0.04 -7.45
N GLU B 109 32.99 -1.22 -7.02
CA GLU B 109 34.22 -1.99 -7.04
C GLU B 109 34.75 -2.18 -8.46
N GLN B 110 33.85 -2.42 -9.41
CA GLN B 110 34.24 -2.67 -10.79
C GLN B 110 34.35 -1.40 -11.62
N LEU B 111 34.33 -0.22 -10.98
CA LEU B 111 34.39 1.02 -11.74
C LEU B 111 35.77 1.26 -12.34
N SER B 112 36.83 0.74 -11.72
CA SER B 112 38.18 1.01 -12.19
C SER B 112 38.50 0.22 -13.46
N SER B 113 37.89 -0.95 -13.64
CA SER B 113 38.18 -1.78 -14.80
C SER B 113 37.50 -1.24 -16.05
N VAL B 114 36.19 -0.98 -15.95
CA VAL B 114 35.43 -0.60 -17.15
C VAL B 114 35.80 0.80 -17.62
N ASN B 115 36.24 1.67 -16.72
CA ASN B 115 36.66 3.02 -17.06
C ASN B 115 38.13 3.15 -16.68
N GLU B 116 39.00 3.27 -17.68
CA GLU B 116 40.44 3.26 -17.43
C GLU B 116 40.88 4.44 -16.58
N ASP B 117 40.29 5.62 -16.81
CA ASP B 117 40.71 6.82 -16.09
C ASP B 117 40.28 6.81 -14.63
N GLN B 118 39.43 5.87 -14.22
CA GLN B 118 38.99 5.76 -12.83
C GLN B 118 39.91 4.83 -12.06
N SER B 119 40.25 5.23 -10.84
CA SER B 119 41.12 4.48 -9.97
C SER B 119 40.33 3.50 -9.10
N PRO B 120 40.99 2.45 -8.59
CA PRO B 120 40.26 1.47 -7.76
C PRO B 120 39.62 2.11 -6.55
N MET B 121 38.41 1.67 -6.23
CA MET B 121 37.67 2.28 -5.13
C MET B 121 36.62 1.30 -4.62
N THR B 122 36.31 1.39 -3.33
CA THR B 122 35.30 0.55 -2.72
C THR B 122 34.43 1.39 -1.80
N VAL B 123 33.31 0.80 -1.38
CA VAL B 123 32.39 1.45 -0.47
C VAL B 123 31.94 0.45 0.59
N SER B 124 31.58 0.98 1.74
CA SER B 124 30.99 0.22 2.83
C SER B 124 29.56 0.71 3.06
N ILE B 125 28.67 -0.23 3.35
CA ILE B 125 27.24 0.04 3.40
C ILE B 125 26.66 -0.54 4.69
N GLY B 126 25.86 0.26 5.38
CA GLY B 126 25.13 -0.22 6.54
C GLY B 126 23.63 -0.09 6.30
N ILE B 127 22.88 -1.08 6.76
CA ILE B 127 21.44 -1.18 6.48
C ILE B 127 20.70 -1.33 7.80
N SER B 128 19.63 -0.55 7.96
CA SER B 128 18.64 -0.78 9.00
C SER B 128 17.26 -0.76 8.35
N THR B 129 16.28 -1.35 9.03
CA THR B 129 14.95 -1.50 8.45
C THR B 129 13.89 -1.52 9.54
N TRP B 130 12.90 -0.65 9.40
CA TRP B 130 11.74 -0.63 10.28
C TRP B 130 10.63 -1.47 9.66
N THR B 131 10.02 -2.33 10.48
CA THR B 131 8.89 -3.13 10.04
C THR B 131 7.68 -2.85 10.91
N ALA B 132 6.52 -3.30 10.45
CA ALA B 132 5.25 -2.90 11.06
C ALA B 132 5.13 -3.31 12.52
N THR B 133 5.87 -4.32 12.96
CA THR B 133 5.80 -4.78 14.34
C THR B 133 6.98 -4.28 15.18
N SER B 134 7.91 -3.56 14.59
CA SER B 134 9.04 -3.03 15.34
C SER B 134 8.58 -1.89 16.25
N GLU B 135 9.25 -1.78 17.39
CA GLU B 135 8.94 -0.78 18.40
C GLU B 135 9.91 0.39 18.37
N ILE B 136 10.92 0.35 17.52
CA ILE B 136 12.00 1.34 17.53
C ILE B 136 11.46 2.69 17.09
N SER B 137 12.28 3.72 17.24
CA SER B 137 11.96 5.08 16.83
C SER B 137 12.77 5.45 15.59
N LEU B 138 12.48 6.63 15.05
CA LEU B 138 13.19 7.09 13.88
C LEU B 138 14.67 7.33 14.19
N GLU B 139 14.94 7.86 15.37
CA GLU B 139 16.33 8.10 15.76
C GLU B 139 17.08 6.79 15.96
N GLN B 140 16.40 5.78 16.50
CA GLN B 140 17.01 4.45 16.62
C GLN B 140 17.20 3.79 15.26
N LEU B 141 16.32 4.10 14.30
CA LEU B 141 16.47 3.58 12.95
C LEU B 141 17.71 4.16 12.28
N LEU B 142 17.93 5.47 12.41
CA LEU B 142 19.12 6.10 11.87
C LEU B 142 20.38 5.61 12.60
N PHE B 143 20.29 5.45 13.91
CA PHE B 143 21.44 4.98 14.68
C PHE B 143 21.84 3.57 14.28
N ALA B 144 20.85 2.71 14.03
CA ALA B 144 21.17 1.33 13.65
C ALA B 144 21.86 1.25 12.31
N ALA B 145 21.63 2.22 11.43
CA ALA B 145 22.27 2.20 10.12
C ALA B 145 23.69 2.75 10.20
N ASP B 146 23.92 3.78 11.03
CA ASP B 146 25.27 4.28 11.23
C ASP B 146 26.14 3.24 11.93
N LYS B 147 25.58 2.54 12.92
CA LYS B 147 26.35 1.51 13.62
C LYS B 147 26.72 0.37 12.68
N ALA B 148 25.79 -0.05 11.82
CA ALA B 148 26.08 -1.10 10.87
C ALA B 148 27.12 -0.65 9.85
N LEU B 149 27.12 0.63 9.49
CA LEU B 149 28.16 1.15 8.61
C LEU B 149 29.50 1.13 9.30
N TYR B 150 29.51 1.43 10.61
CA TYR B 150 30.74 1.31 11.39
C TYR B 150 31.23 -0.12 11.46
N GLN B 151 30.31 -1.07 11.69
CA GLN B 151 30.69 -2.48 11.70
C GLN B 151 31.19 -2.95 10.34
N ALA B 152 30.84 -2.25 9.26
CA ALA B 152 31.38 -2.60 7.95
C ALA B 152 32.79 -2.07 7.78
N LYS B 153 33.11 -0.94 8.39
CA LYS B 153 34.46 -0.41 8.35
C LYS B 153 35.41 -1.16 9.27
N GLU B 154 34.87 -1.79 10.32
CA GLU B 154 35.72 -2.49 11.28
C GLU B 154 36.18 -3.83 10.72
N GLY B 155 35.23 -4.74 10.45
CA GLY B 155 35.57 -6.02 9.88
C GLY B 155 35.98 -5.91 8.42
N GLY B 156 37.10 -5.25 8.15
CA GLY B 156 37.50 -4.99 6.78
C GLY B 156 36.71 -3.83 6.22
N ARG B 157 36.57 -3.84 4.89
CA ARG B 157 35.75 -2.86 4.19
C ARG B 157 35.13 -3.57 2.99
N ASN B 158 34.56 -2.81 2.07
CA ASN B 158 33.94 -3.35 0.86
C ASN B 158 32.95 -4.46 1.21
N ARG B 159 31.95 -4.09 2.00
CA ARG B 159 30.98 -5.07 2.46
C ARG B 159 29.72 -4.35 2.93
N VAL B 160 28.65 -5.13 3.08
CA VAL B 160 27.34 -4.64 3.49
C VAL B 160 26.97 -5.34 4.80
N VAL B 161 26.56 -4.56 5.79
CA VAL B 161 26.22 -5.07 7.11
C VAL B 161 24.80 -4.65 7.44
N VAL B 162 23.98 -5.62 7.87
CA VAL B 162 22.61 -5.39 8.29
C VAL B 162 22.60 -5.24 9.80
N ALA B 163 21.79 -4.31 10.31
CA ALA B 163 21.78 -3.95 11.72
C ALA B 163 21.54 -5.14 12.64
N ALA B 164 20.30 -5.63 12.67
CA ALA B 164 19.90 -6.71 13.57
C ALA B 164 20.21 -6.37 15.02
N ALA C 2 2.19 -9.90 -2.41
CA ALA C 2 1.02 -9.63 -1.59
C ALA C 2 0.46 -10.92 -0.98
N THR C 3 0.74 -12.04 -1.64
CA THR C 3 0.33 -13.36 -1.18
C THR C 3 1.54 -14.29 -1.20
N ASP C 4 1.33 -15.51 -0.71
CA ASP C 4 2.37 -16.53 -0.70
C ASP C 4 2.14 -17.48 -1.86
N ALA C 5 3.21 -17.74 -2.63
CA ALA C 5 3.07 -18.55 -3.83
C ALA C 5 2.67 -19.99 -3.50
N LEU C 6 3.27 -20.57 -2.46
CA LEU C 6 3.00 -21.98 -2.15
C LEU C 6 1.60 -22.17 -1.62
N THR C 7 1.10 -21.24 -0.82
CA THR C 7 -0.18 -21.40 -0.14
C THR C 7 -1.32 -20.57 -0.72
N GLY C 8 -1.01 -19.48 -1.42
CA GLY C 8 -2.06 -18.63 -1.95
C GLY C 8 -2.72 -17.73 -0.94
N VAL C 9 -2.20 -17.66 0.27
CA VAL C 9 -2.75 -16.76 1.29
C VAL C 9 -1.74 -15.65 1.55
N ALA C 10 -2.04 -14.80 2.53
CA ALA C 10 -1.19 -13.64 2.78
C ALA C 10 0.22 -14.07 3.17
N ASN C 11 1.18 -13.20 2.89
CA ASN C 11 2.57 -13.47 3.20
C ASN C 11 2.95 -12.74 4.49
N ARG C 12 4.26 -12.66 4.75
CA ARG C 12 4.72 -11.98 5.96
C ARG C 12 4.45 -10.48 5.88
N ARG C 13 4.66 -9.88 4.72
CA ARG C 13 4.44 -8.44 4.58
C ARG C 13 2.98 -8.07 4.82
N MET C 14 2.06 -8.93 4.37
CA MET C 14 0.65 -8.66 4.59
C MET C 14 0.23 -8.96 6.03
N LEU C 15 0.91 -9.88 6.70
CA LEU C 15 0.55 -10.23 8.08
C LEU C 15 0.94 -9.13 9.05
N ASP C 16 2.23 -8.77 9.08
CA ASP C 16 2.68 -7.71 9.97
C ASP C 16 1.95 -6.40 9.70
N GLN C 17 1.60 -6.15 8.44
CA GLN C 17 0.88 -4.92 8.10
C GLN C 17 -0.55 -4.95 8.61
N SER C 18 -1.29 -6.01 8.29
CA SER C 18 -2.68 -6.09 8.74
C SER C 18 -2.79 -6.20 10.25
N LEU C 19 -1.81 -6.85 10.90
CA LEU C 19 -1.84 -6.93 12.36
C LEU C 19 -1.65 -5.56 12.98
N ARG C 20 -0.83 -4.71 12.37
CA ARG C 20 -0.67 -3.34 12.88
C ARG C 20 -1.96 -2.55 12.72
N HIS C 21 -2.67 -2.74 11.61
CA HIS C 21 -3.90 -1.98 11.38
C HIS C 21 -5.02 -2.46 12.29
N GLU C 22 -5.16 -3.78 12.45
CA GLU C 22 -6.20 -4.31 13.33
C GLU C 22 -5.94 -3.96 14.79
N TRP C 23 -4.66 -3.82 15.17
CA TRP C 23 -4.33 -3.40 16.52
C TRP C 23 -4.86 -1.99 16.80
N PHE C 24 -4.73 -1.09 15.81
CA PHE C 24 -5.18 0.28 15.99
C PHE C 24 -6.69 0.36 16.08
N ARG C 25 -7.40 -0.45 15.28
CA ARG C 25 -8.86 -0.47 15.39
C ARG C 25 -9.30 -0.99 16.75
N ALA C 26 -8.52 -1.89 17.35
CA ALA C 26 -8.89 -2.47 18.64
C ALA C 26 -8.80 -1.44 19.75
N GLN C 27 -7.78 -0.58 19.71
CA GLN C 27 -7.63 0.44 20.73
C GLN C 27 -8.84 1.38 20.76
N ARG C 28 -9.40 1.68 19.59
CA ARG C 28 -10.58 2.53 19.52
C ARG C 28 -11.83 1.76 19.93
N SER C 29 -12.07 0.62 19.29
CA SER C 29 -13.29 -0.14 19.57
C SER C 29 -13.27 -0.74 20.97
N GLY C 30 -12.10 -1.14 21.47
CA GLY C 30 -12.02 -1.78 22.76
C GLY C 30 -12.47 -3.23 22.76
N LYS C 31 -12.55 -3.85 21.60
CA LYS C 31 -12.97 -5.22 21.52
C LYS C 31 -11.76 -6.15 21.45
N PRO C 32 -11.88 -7.38 21.94
CA PRO C 32 -10.71 -8.27 22.00
C PRO C 32 -10.17 -8.60 20.62
N LEU C 33 -8.87 -8.89 20.58
CA LEU C 33 -8.17 -9.20 19.34
C LEU C 33 -7.26 -10.39 19.57
N SER C 34 -7.52 -11.49 18.87
CA SER C 34 -6.81 -12.74 19.06
C SER C 34 -5.91 -13.03 17.87
N LEU C 35 -4.82 -13.76 18.14
CA LEU C 35 -3.84 -14.14 17.12
C LEU C 35 -3.52 -15.62 17.27
N LEU C 36 -3.54 -16.34 16.15
CA LEU C 36 -3.31 -17.78 16.13
C LEU C 36 -2.08 -18.08 15.27
N MET C 37 -0.95 -18.33 15.91
CA MET C 37 0.22 -18.84 15.22
C MET C 37 0.18 -20.36 15.26
N ILE C 38 0.44 -21.00 14.11
CA ILE C 38 0.13 -22.41 13.93
C ILE C 38 1.32 -23.13 13.32
N ASP C 39 1.70 -24.25 13.93
CA ASP C 39 2.64 -25.24 13.40
C ASP C 39 2.04 -26.64 13.53
N ALA C 40 0.79 -26.78 13.08
CA ALA C 40 -0.05 -27.90 13.48
C ALA C 40 0.56 -29.25 13.13
N ASP C 41 0.52 -30.16 14.11
CA ASP C 41 0.78 -31.59 13.93
C ASP C 41 2.21 -31.89 13.50
N HIS C 42 3.17 -31.19 14.11
CA HIS C 42 4.60 -31.48 13.91
C HIS C 42 5.47 -30.63 14.85
N ARG C 49 6.19 -40.64 5.66
CA ARG C 49 7.60 -40.26 5.66
C ARG C 49 8.09 -40.01 4.24
N HIS C 50 7.27 -39.33 3.45
CA HIS C 50 7.59 -39.09 2.05
C HIS C 50 8.77 -38.11 1.93
N GLY C 51 9.19 -37.89 0.69
CA GLY C 51 10.35 -37.06 0.42
C GLY C 51 10.06 -35.59 0.61
N HIS C 52 10.98 -34.76 0.10
CA HIS C 52 10.88 -33.32 0.29
C HIS C 52 9.80 -32.71 -0.59
N GLN C 53 9.60 -33.25 -1.79
CA GLN C 53 8.61 -32.70 -2.71
C GLN C 53 7.20 -32.83 -2.13
N ALA C 54 6.89 -33.98 -1.54
CA ALA C 54 5.60 -34.15 -0.89
C ALA C 54 5.53 -33.25 0.35
N GLY C 55 4.38 -33.30 1.03
CA GLY C 55 4.14 -32.41 2.14
C GLY C 55 3.76 -31.00 1.76
N ASP C 56 4.13 -30.56 0.56
CA ASP C 56 3.58 -29.31 0.04
C ASP C 56 2.07 -29.38 -0.12
N GLN C 57 1.53 -30.58 -0.31
CA GLN C 57 0.09 -30.76 -0.20
C GLN C 57 -0.39 -30.38 1.19
N ALA C 58 0.32 -30.85 2.22
CA ALA C 58 -0.05 -30.51 3.60
C ALA C 58 -0.02 -28.99 3.80
N LEU C 59 1.06 -28.34 3.37
CA LEU C 59 1.13 -26.89 3.45
C LEU C 59 -0.04 -26.23 2.72
N ARG C 60 -0.44 -26.82 1.59
CA ARG C 60 -1.63 -26.32 0.89
C ARG C 60 -2.91 -26.78 1.56
N GLU C 61 -3.01 -28.08 1.86
CA GLU C 61 -4.27 -28.61 2.38
C GLU C 61 -4.57 -28.11 3.78
N LEU C 62 -3.53 -27.91 4.61
CA LEU C 62 -3.76 -27.38 5.95
C LEU C 62 -4.39 -25.99 5.87
N ALA C 63 -3.80 -25.10 5.07
CA ALA C 63 -4.32 -23.75 4.93
C ALA C 63 -5.77 -23.74 4.45
N ARG C 64 -6.22 -24.80 3.77
CA ARG C 64 -7.62 -24.87 3.37
C ARG C 64 -8.52 -25.14 4.56
N VAL C 65 -8.09 -26.04 5.46
CA VAL C 65 -8.90 -26.36 6.64
C VAL C 65 -9.12 -25.11 7.49
N ILE C 66 -8.08 -24.28 7.62
CA ILE C 66 -8.24 -23.01 8.32
C ILE C 66 -9.25 -22.14 7.59
N THR C 67 -8.98 -21.85 6.30
CA THR C 67 -9.90 -21.02 5.52
C THR C 67 -11.30 -21.59 5.51
N THR C 68 -11.45 -22.91 5.54
CA THR C 68 -12.77 -23.50 5.59
C THR C 68 -13.39 -23.39 6.98
N ASN C 69 -12.57 -23.43 8.02
CA ASN C 69 -13.07 -23.41 9.40
C ASN C 69 -12.71 -22.17 10.19
N VAL C 70 -12.02 -21.19 9.60
CA VAL C 70 -11.72 -19.96 10.34
C VAL C 70 -13.04 -19.27 10.67
N ARG C 71 -12.98 -18.38 11.66
CA ARG C 71 -14.20 -17.79 12.21
C ARG C 71 -14.96 -16.98 11.16
N ARG C 72 -14.34 -15.93 10.64
CA ARG C 72 -15.06 -15.04 9.74
C ARG C 72 -14.13 -14.31 8.79
N PRO C 73 -14.43 -14.31 7.48
CA PRO C 73 -13.75 -13.32 6.64
C PRO C 73 -14.40 -11.95 6.83
N ALA C 74 -13.60 -10.90 7.04
CA ALA C 74 -12.15 -11.01 6.87
C ALA C 74 -11.40 -11.29 8.16
N ASP C 75 -10.86 -12.50 8.25
CA ASP C 75 -9.84 -12.85 9.23
C ASP C 75 -8.62 -13.31 8.44
N LEU C 76 -7.54 -12.52 8.50
CA LEU C 76 -6.40 -12.71 7.61
C LEU C 76 -5.70 -14.01 7.94
N VAL C 77 -5.78 -14.98 7.03
CA VAL C 77 -4.97 -16.19 7.10
C VAL C 77 -3.71 -15.94 6.28
N ALA C 78 -2.57 -15.94 6.95
CA ALA C 78 -1.30 -15.59 6.32
C ALA C 78 -0.34 -16.78 6.39
N ARG C 79 0.94 -16.49 6.12
CA ARG C 79 2.00 -17.45 6.35
C ARG C 79 3.19 -16.69 6.94
N TYR C 80 3.42 -16.90 8.24
CA TYR C 80 4.45 -16.14 8.94
C TYR C 80 5.85 -16.60 8.55
N GLY C 81 6.18 -17.85 8.85
CA GLY C 81 7.50 -18.37 8.55
C GLY C 81 7.48 -19.52 7.56
N GLY C 82 8.55 -20.31 7.55
CA GLY C 82 8.62 -21.43 6.63
C GLY C 82 7.54 -22.47 6.87
N GLU C 83 7.41 -22.91 8.13
CA GLU C 83 6.37 -23.86 8.50
C GLU C 83 5.20 -23.23 9.23
N GLU C 84 5.41 -22.08 9.87
CA GLU C 84 4.36 -21.45 10.67
C GLU C 84 3.57 -20.45 9.85
N PHE C 85 2.26 -20.46 10.01
CA PHE C 85 1.37 -19.51 9.35
C PHE C 85 0.34 -19.02 10.35
N SER C 86 0.16 -17.70 10.41
CA SER C 86 -0.66 -17.07 11.43
C SER C 86 -2.03 -16.68 10.88
N VAL C 87 -2.98 -16.49 11.79
CA VAL C 87 -4.30 -15.98 11.46
C VAL C 87 -4.65 -14.88 12.47
N ILE C 88 -5.42 -13.90 12.01
CA ILE C 88 -5.81 -12.75 12.82
C ILE C 88 -7.31 -12.81 13.04
N LEU C 89 -7.72 -12.87 14.30
CA LEU C 89 -9.13 -12.91 14.68
C LEU C 89 -9.48 -11.57 15.33
N ALA C 90 -10.35 -10.81 14.67
CA ALA C 90 -10.74 -9.49 15.14
C ALA C 90 -12.08 -9.54 15.86
N GLU C 91 -12.24 -8.66 16.84
CA GLU C 91 -13.44 -8.61 17.67
C GLU C 91 -13.76 -9.98 18.26
N THR C 92 -12.71 -10.72 18.60
CA THR C 92 -12.83 -12.12 18.98
C THR C 92 -12.26 -12.31 20.38
N ASP C 93 -13.12 -12.74 21.31
CA ASP C 93 -12.68 -13.04 22.67
C ASP C 93 -11.78 -14.27 22.67
N SER C 94 -11.00 -14.41 23.75
CA SER C 94 -10.13 -15.58 23.87
C SER C 94 -10.91 -16.87 24.00
N VAL C 95 -12.17 -16.81 24.44
CA VAL C 95 -13.00 -18.00 24.44
C VAL C 95 -13.30 -18.44 23.01
N GLY C 96 -13.40 -17.48 22.09
CA GLY C 96 -13.61 -17.81 20.69
C GLY C 96 -12.33 -18.33 20.06
N ALA C 97 -11.21 -17.66 20.34
CA ALA C 97 -9.93 -18.06 19.76
C ALA C 97 -9.62 -19.52 20.06
N GLN C 98 -9.98 -20.00 21.26
CA GLN C 98 -9.74 -21.40 21.60
C GLN C 98 -10.69 -22.30 20.84
N GLN C 99 -12.00 -22.02 20.89
CA GLN C 99 -12.98 -22.85 20.21
C GLN C 99 -12.73 -22.89 18.71
N ILE C 100 -12.22 -21.81 18.14
CA ILE C 100 -11.87 -21.82 16.73
C ILE C 100 -10.61 -22.64 16.50
N ALA C 101 -9.65 -22.57 17.42
CA ALA C 101 -8.40 -23.28 17.25
C ALA C 101 -8.56 -24.78 17.42
N GLU C 102 -9.56 -25.22 18.19
CA GLU C 102 -9.75 -26.66 18.36
C GLU C 102 -10.15 -27.33 17.05
N HIS C 103 -10.87 -26.60 16.19
CA HIS C 103 -11.26 -27.16 14.89
C HIS C 103 -10.06 -27.32 13.97
N ILE C 104 -9.08 -26.40 14.07
CA ILE C 104 -7.87 -26.50 13.26
C ILE C 104 -7.04 -27.72 13.65
N ARG C 105 -7.22 -28.22 14.88
CA ARG C 105 -6.44 -29.36 15.34
C ARG C 105 -6.72 -30.62 14.53
N ALA C 106 -7.82 -30.65 13.76
CA ALA C 106 -8.11 -31.78 12.88
C ALA C 106 -7.11 -31.77 11.73
N ALA C 107 -5.95 -32.35 11.99
CA ALA C 107 -4.86 -32.39 11.02
C ALA C 107 -3.92 -33.53 11.38
N VAL C 108 -2.84 -33.63 10.62
CA VAL C 108 -1.85 -34.69 10.84
C VAL C 108 -0.48 -34.24 10.33
N SER C 124 -0.09 -27.85 16.88
CA SER C 124 0.78 -26.92 17.61
C SER C 124 0.33 -25.48 17.42
N ILE C 125 -0.77 -25.13 18.08
CA ILE C 125 -1.39 -23.82 17.96
C ILE C 125 -1.04 -22.99 19.19
N GLY C 126 -0.50 -21.80 18.96
CA GLY C 126 -0.17 -20.88 20.04
C GLY C 126 -1.02 -19.63 20.02
N ILE C 127 -1.94 -19.51 20.96
CA ILE C 127 -2.96 -18.46 20.96
C ILE C 127 -2.47 -17.26 21.77
N SER C 128 -2.79 -16.06 21.28
CA SER C 128 -2.59 -14.82 22.02
C SER C 128 -3.85 -13.99 21.88
N THR C 129 -4.00 -13.00 22.76
CA THR C 129 -5.21 -12.20 22.78
C THR C 129 -4.95 -10.86 23.46
N TRP C 130 -5.45 -9.79 22.84
CA TRP C 130 -5.41 -8.46 23.41
C TRP C 130 -6.78 -8.12 23.97
N THR C 131 -6.80 -7.58 25.19
CA THR C 131 -8.02 -7.03 25.78
C THR C 131 -7.78 -5.58 26.14
N ALA C 132 -8.88 -4.86 26.40
CA ALA C 132 -8.79 -3.45 26.74
C ALA C 132 -7.96 -3.23 28.00
N THR C 133 -7.97 -4.19 28.92
CA THR C 133 -7.18 -4.10 30.14
C THR C 133 -5.76 -4.61 29.98
N SER C 134 -5.46 -5.33 28.90
CA SER C 134 -4.14 -5.92 28.73
C SER C 134 -3.06 -4.85 28.68
N GLU C 135 -3.26 -3.82 27.86
CA GLU C 135 -2.28 -2.75 27.67
C GLU C 135 -0.92 -3.34 27.28
N ILE C 136 -0.94 -4.31 26.39
CA ILE C 136 0.28 -4.91 25.85
C ILE C 136 0.54 -4.31 24.48
N SER C 137 1.82 -4.19 24.13
CA SER C 137 2.17 -3.62 22.85
C SER C 137 1.84 -4.60 21.72
N LEU C 138 1.82 -4.06 20.50
CA LEU C 138 1.63 -4.91 19.33
C LEU C 138 2.71 -5.98 19.23
N GLU C 139 3.94 -5.63 19.61
CA GLU C 139 5.04 -6.59 19.52
C GLU C 139 4.92 -7.66 20.58
N GLN C 140 4.40 -7.32 21.77
CA GLN C 140 4.27 -8.31 22.84
C GLN C 140 3.23 -9.36 22.49
N LEU C 141 2.13 -8.95 21.86
CA LEU C 141 1.13 -9.92 21.43
C LEU C 141 1.70 -10.89 20.39
N LEU C 142 2.65 -10.43 19.58
CA LEU C 142 3.25 -11.31 18.59
C LEU C 142 4.17 -12.34 19.24
N PHE C 143 4.99 -11.90 20.20
CA PHE C 143 5.87 -12.83 20.90
C PHE C 143 5.06 -13.83 21.72
N ALA C 144 3.95 -13.38 22.30
CA ALA C 144 3.14 -14.25 23.15
C ALA C 144 2.61 -15.45 22.36
N ALA C 145 2.06 -15.19 21.18
CA ALA C 145 1.58 -16.30 20.34
C ALA C 145 2.74 -17.19 19.92
N ASP C 146 3.91 -16.61 19.67
CA ASP C 146 5.08 -17.41 19.33
C ASP C 146 5.51 -18.28 20.50
N LYS C 147 5.59 -17.69 21.70
CA LYS C 147 5.93 -18.45 22.88
C LYS C 147 4.85 -19.48 23.22
N ALA C 148 3.58 -19.09 23.11
CA ALA C 148 2.51 -20.05 23.34
C ALA C 148 2.54 -21.20 22.36
N LEU C 149 3.13 -20.99 21.18
CA LEU C 149 3.39 -22.10 20.27
C LEU C 149 4.70 -22.80 20.60
N TYR C 150 5.73 -22.02 20.95
CA TYR C 150 7.00 -22.61 21.36
C TYR C 150 6.84 -23.53 22.55
N GLN C 151 5.90 -23.22 23.45
CA GLN C 151 5.57 -24.11 24.55
C GLN C 151 4.62 -25.23 24.12
N ALA C 152 3.90 -25.06 23.01
CA ALA C 152 3.02 -26.12 22.53
C ALA C 152 3.79 -27.34 22.05
N LYS C 153 5.10 -27.21 21.82
CA LYS C 153 5.92 -28.37 21.53
C LYS C 153 6.14 -29.22 22.77
N GLU C 154 6.10 -28.62 23.96
CA GLU C 154 6.16 -29.39 25.20
C GLU C 154 4.91 -30.25 25.35
N GLY C 155 3.74 -29.64 25.27
CA GLY C 155 2.51 -30.41 25.11
C GLY C 155 2.56 -31.31 23.89
N GLY C 156 3.12 -30.81 22.81
CA GLY C 156 3.51 -31.65 21.66
C GLY C 156 2.54 -31.87 20.53
N ARG C 157 1.34 -32.38 20.82
CA ARG C 157 0.45 -32.86 19.78
C ARG C 157 -0.97 -32.34 19.99
N ASN C 158 -1.60 -31.94 18.89
CA ASN C 158 -3.03 -31.60 18.82
C ASN C 158 -3.43 -30.51 19.81
N ARG C 159 -2.46 -29.87 20.46
CA ARG C 159 -2.73 -29.06 21.65
C ARG C 159 -2.87 -27.59 21.31
N VAL C 160 -3.84 -26.95 21.95
CA VAL C 160 -4.02 -25.50 21.90
C VAL C 160 -3.52 -24.93 23.22
N VAL C 161 -2.56 -24.01 23.15
CA VAL C 161 -1.89 -23.47 24.32
C VAL C 161 -2.06 -21.96 24.29
N VAL C 162 -2.95 -21.44 25.14
CA VAL C 162 -3.13 -20.00 25.24
C VAL C 162 -2.05 -19.44 26.15
N ALA C 163 -1.66 -18.19 25.88
CA ALA C 163 -0.49 -17.61 26.55
C ALA C 163 -0.88 -17.08 27.93
N ALA C 164 0.15 -16.63 28.65
CA ALA C 164 -0.03 -16.07 29.99
C ALA C 164 -0.80 -14.76 29.95
N ALA D 2 -8.87 -4.35 2.23
CA ALA D 2 -8.09 -5.16 1.29
C ALA D 2 -8.76 -6.50 1.04
N THR D 3 -9.89 -6.73 1.70
CA THR D 3 -10.61 -7.98 1.58
C THR D 3 -12.11 -7.71 1.58
N ASP D 4 -12.82 -8.42 0.70
CA ASP D 4 -14.27 -8.35 0.71
C ASP D 4 -14.81 -9.08 1.95
N ALA D 5 -15.63 -8.37 2.73
CA ALA D 5 -16.14 -8.94 3.97
C ALA D 5 -17.08 -10.10 3.70
N LEU D 6 -17.87 -10.03 2.63
CA LEU D 6 -18.87 -11.05 2.38
C LEU D 6 -18.25 -12.34 1.88
N THR D 7 -17.27 -12.26 0.98
CA THR D 7 -16.69 -13.42 0.34
C THR D 7 -15.34 -13.83 0.92
N GLY D 8 -14.56 -12.89 1.42
CA GLY D 8 -13.26 -13.20 1.97
C GLY D 8 -12.13 -13.23 0.97
N VAL D 9 -12.33 -12.70 -0.23
CA VAL D 9 -11.28 -12.61 -1.23
C VAL D 9 -10.99 -11.13 -1.48
N ALA D 10 -10.20 -10.84 -2.50
CA ALA D 10 -9.81 -9.46 -2.77
C ALA D 10 -11.03 -8.61 -3.10
N ASN D 11 -10.90 -7.32 -2.86
CA ASN D 11 -11.97 -6.38 -3.14
C ASN D 11 -11.67 -5.64 -4.46
N ARG D 12 -12.33 -4.50 -4.67
CA ARG D 12 -12.14 -3.77 -5.92
C ARG D 12 -10.75 -3.14 -5.98
N ARG D 13 -10.35 -2.43 -4.93
CA ARG D 13 -9.06 -1.75 -4.92
C ARG D 13 -7.90 -2.75 -5.03
N MET D 14 -8.04 -3.92 -4.42
CA MET D 14 -7.00 -4.93 -4.56
C MET D 14 -6.96 -5.49 -5.97
N LEU D 15 -8.10 -5.51 -6.67
CA LEU D 15 -8.11 -5.99 -8.04
C LEU D 15 -7.44 -5.01 -8.99
N ASP D 16 -7.78 -3.72 -8.87
CA ASP D 16 -7.20 -2.72 -9.76
C ASP D 16 -5.69 -2.63 -9.58
N GLN D 17 -5.22 -2.76 -8.35
CA GLN D 17 -3.77 -2.75 -8.10
C GLN D 17 -3.10 -3.95 -8.75
N SER D 18 -3.52 -5.16 -8.36
CA SER D 18 -2.86 -6.37 -8.84
C SER D 18 -2.94 -6.49 -10.36
N LEU D 19 -4.02 -5.99 -10.96
CA LEU D 19 -4.11 -6.01 -12.42
C LEU D 19 -3.14 -5.01 -13.03
N ARG D 20 -2.99 -3.83 -12.41
CA ARG D 20 -2.02 -2.87 -12.90
C ARG D 20 -0.60 -3.37 -12.75
N HIS D 21 -0.32 -4.08 -11.66
CA HIS D 21 1.03 -4.57 -11.43
C HIS D 21 1.35 -5.75 -12.34
N GLU D 22 0.42 -6.68 -12.47
CA GLU D 22 0.64 -7.82 -13.35
C GLU D 22 0.75 -7.40 -14.81
N TRP D 23 0.05 -6.32 -15.19
CA TRP D 23 0.18 -5.79 -16.53
C TRP D 23 1.62 -5.34 -16.81
N PHE D 24 2.25 -4.71 -15.82
CA PHE D 24 3.62 -4.23 -15.99
C PHE D 24 4.61 -5.38 -16.03
N ARG D 25 4.40 -6.41 -15.21
CA ARG D 25 5.25 -7.58 -15.28
C ARG D 25 5.10 -8.30 -16.61
N ALA D 26 3.91 -8.21 -17.23
CA ALA D 26 3.68 -8.89 -18.50
C ALA D 26 4.43 -8.21 -19.64
N GLN D 27 4.53 -6.87 -19.60
CA GLN D 27 5.24 -6.16 -20.66
C GLN D 27 6.69 -6.59 -20.74
N ARG D 28 7.33 -6.83 -19.59
CA ARG D 28 8.72 -7.26 -19.59
C ARG D 28 8.84 -8.73 -20.01
N SER D 29 8.09 -9.61 -19.33
CA SER D 29 8.20 -11.04 -19.63
C SER D 29 7.69 -11.36 -21.03
N GLY D 30 6.69 -10.61 -21.51
CA GLY D 30 6.09 -10.95 -22.79
C GLY D 30 5.25 -12.21 -22.77
N LYS D 31 4.75 -12.58 -21.61
CA LYS D 31 3.94 -13.78 -21.47
C LYS D 31 2.46 -13.40 -21.35
N PRO D 32 1.56 -14.27 -21.84
CA PRO D 32 0.15 -13.89 -21.91
C PRO D 32 -0.46 -13.68 -20.53
N LEU D 33 -1.44 -12.78 -20.48
CA LEU D 33 -2.12 -12.41 -19.24
C LEU D 33 -3.62 -12.43 -19.47
N SER D 34 -4.32 -13.28 -18.74
CA SER D 34 -5.76 -13.49 -18.93
C SER D 34 -6.55 -12.91 -17.77
N LEU D 35 -7.78 -12.49 -18.05
CA LEU D 35 -8.65 -11.87 -17.07
C LEU D 35 -10.06 -12.44 -17.22
N LEU D 36 -10.69 -12.74 -16.10
CA LEU D 36 -12.04 -13.32 -16.06
C LEU D 36 -12.97 -12.43 -15.26
N MET D 37 -14.14 -12.14 -15.84
CA MET D 37 -15.25 -11.53 -15.12
C MET D 37 -16.36 -12.55 -15.02
N ILE D 38 -16.87 -12.79 -13.81
CA ILE D 38 -17.74 -13.92 -13.53
C ILE D 38 -19.03 -13.44 -12.89
N ASP D 39 -20.15 -13.97 -13.36
CA ASP D 39 -21.47 -13.82 -12.77
C ASP D 39 -22.26 -15.06 -13.16
N ALA D 40 -21.76 -16.22 -12.74
CA ALA D 40 -22.17 -17.48 -13.33
C ALA D 40 -23.61 -17.83 -12.97
N ASP D 41 -24.29 -18.47 -13.93
CA ASP D 41 -25.57 -19.13 -13.71
C ASP D 41 -26.66 -18.16 -13.24
N HIS D 42 -26.63 -16.93 -13.78
CA HIS D 42 -27.67 -15.94 -13.51
C HIS D 42 -27.48 -14.70 -14.40
N ALA D 45 -31.09 -12.67 -9.48
CA ALA D 45 -32.37 -12.59 -8.78
C ALA D 45 -32.76 -13.94 -8.19
N PHE D 46 -31.77 -14.80 -7.99
CA PHE D 46 -31.98 -16.10 -7.35
C PHE D 46 -32.37 -15.96 -5.88
N ASN D 47 -32.26 -14.77 -5.31
CA ASN D 47 -32.51 -14.59 -3.89
C ASN D 47 -33.94 -14.95 -3.51
N ASP D 48 -34.92 -14.49 -4.28
CA ASP D 48 -36.32 -14.65 -3.90
C ASP D 48 -36.70 -16.12 -3.73
N ARG D 49 -36.00 -17.03 -4.39
CA ARG D 49 -36.28 -18.45 -4.21
C ARG D 49 -35.80 -18.94 -2.84
N HIS D 50 -34.79 -18.28 -2.26
CA HIS D 50 -34.20 -18.71 -1.01
C HIS D 50 -34.00 -17.61 0.01
N GLY D 51 -34.09 -16.34 -0.38
CA GLY D 51 -33.72 -15.24 0.48
C GLY D 51 -32.23 -14.98 0.46
N HIS D 52 -31.84 -13.84 1.03
CA HIS D 52 -30.43 -13.49 1.10
C HIS D 52 -29.64 -14.46 1.96
N GLN D 53 -30.32 -15.20 2.85
CA GLN D 53 -29.62 -16.11 3.75
C GLN D 53 -28.89 -17.20 2.98
N ALA D 54 -29.60 -17.91 2.11
CA ALA D 54 -28.99 -18.94 1.28
C ALA D 54 -28.38 -18.39 0.01
N GLY D 55 -28.78 -17.18 -0.41
CA GLY D 55 -28.19 -16.59 -1.60
C GLY D 55 -26.77 -16.10 -1.37
N ASP D 56 -26.51 -15.52 -0.20
CA ASP D 56 -25.15 -15.09 0.13
C ASP D 56 -24.22 -16.28 0.35
N GLN D 57 -24.77 -17.46 0.65
CA GLN D 57 -23.94 -18.65 0.69
C GLN D 57 -23.40 -18.99 -0.69
N ALA D 58 -24.21 -18.78 -1.73
CA ALA D 58 -23.77 -19.03 -3.09
C ALA D 58 -22.56 -18.17 -3.44
N LEU D 59 -22.64 -16.86 -3.17
CA LEU D 59 -21.50 -15.99 -3.40
C LEU D 59 -20.29 -16.43 -2.60
N ARG D 60 -20.52 -16.95 -1.39
CA ARG D 60 -19.42 -17.50 -0.61
C ARG D 60 -18.97 -18.85 -1.15
N GLU D 61 -19.90 -19.65 -1.67
CA GLU D 61 -19.52 -20.91 -2.30
C GLU D 61 -19.08 -20.74 -3.74
N LEU D 62 -19.49 -19.65 -4.40
CA LEU D 62 -18.89 -19.29 -5.68
C LEU D 62 -17.39 -19.07 -5.52
N ALA D 63 -17.01 -18.18 -4.60
CA ALA D 63 -15.60 -17.93 -4.33
C ALA D 63 -14.86 -19.22 -4.00
N ARG D 64 -15.55 -20.16 -3.33
CA ARG D 64 -14.93 -21.46 -3.05
C ARG D 64 -14.55 -22.17 -4.33
N VAL D 65 -15.49 -22.32 -5.25
CA VAL D 65 -15.23 -23.04 -6.50
C VAL D 65 -14.12 -22.36 -7.29
N ILE D 66 -14.17 -21.03 -7.38
CA ILE D 66 -13.15 -20.30 -8.14
C ILE D 66 -11.78 -20.46 -7.47
N THR D 67 -11.72 -20.27 -6.15
CA THR D 67 -10.45 -20.42 -5.45
C THR D 67 -10.01 -21.88 -5.36
N THR D 68 -10.94 -22.82 -5.52
CA THR D 68 -10.60 -24.24 -5.55
C THR D 68 -10.61 -24.75 -6.99
N ALA D 74 -2.18 -19.08 -6.36
CA ALA D 74 -1.29 -17.93 -6.50
C ALA D 74 -1.85 -16.91 -7.49
N ASP D 75 -3.12 -17.10 -7.87
CA ASP D 75 -3.81 -16.18 -8.75
C ASP D 75 -4.90 -15.46 -7.98
N LEU D 76 -4.98 -14.14 -8.20
CA LEU D 76 -5.87 -13.30 -7.41
C LEU D 76 -7.32 -13.56 -7.77
N VAL D 77 -8.12 -13.89 -6.76
CA VAL D 77 -9.58 -13.93 -6.87
C VAL D 77 -10.13 -12.71 -6.15
N ALA D 78 -10.93 -11.91 -6.85
CA ALA D 78 -11.40 -10.66 -6.26
C ALA D 78 -12.92 -10.56 -6.27
N ARG D 79 -13.43 -9.33 -6.09
CA ARG D 79 -14.86 -9.03 -6.21
C ARG D 79 -14.97 -7.64 -6.84
N TYR D 80 -15.21 -7.61 -8.14
CA TYR D 80 -15.26 -6.34 -8.88
C TYR D 80 -16.46 -5.51 -8.47
N GLY D 81 -17.67 -5.98 -8.74
CA GLY D 81 -18.88 -5.26 -8.39
C GLY D 81 -19.75 -6.00 -7.41
N GLY D 82 -21.02 -5.63 -7.35
CA GLY D 82 -21.96 -6.28 -6.46
C GLY D 82 -22.11 -7.77 -6.72
N GLU D 83 -22.55 -8.11 -7.94
CA GLU D 83 -22.65 -9.51 -8.33
C GLU D 83 -21.43 -10.00 -9.07
N GLU D 84 -20.63 -9.11 -9.65
CA GLU D 84 -19.42 -9.50 -10.35
C GLU D 84 -18.30 -9.80 -9.37
N PHE D 85 -17.40 -10.70 -9.79
CA PHE D 85 -16.14 -10.91 -9.08
C PHE D 85 -15.13 -11.48 -10.06
N SER D 86 -13.94 -10.89 -10.08
CA SER D 86 -12.96 -11.11 -11.14
C SER D 86 -11.86 -12.07 -10.69
N VAL D 87 -11.08 -12.52 -11.67
CA VAL D 87 -9.95 -13.42 -11.46
C VAL D 87 -8.81 -12.98 -12.36
N ILE D 88 -7.61 -12.87 -11.82
CA ILE D 88 -6.42 -12.51 -12.59
C ILE D 88 -5.58 -13.78 -12.78
N LEU D 89 -5.41 -14.20 -14.02
CA LEU D 89 -4.60 -15.36 -14.36
C LEU D 89 -3.40 -14.88 -15.17
N ALA D 90 -2.20 -15.16 -14.67
CA ALA D 90 -0.97 -14.67 -15.26
C ALA D 90 -0.19 -15.81 -15.90
N GLU D 91 0.66 -15.45 -16.86
CA GLU D 91 1.52 -16.39 -17.57
C GLU D 91 0.71 -17.54 -18.17
N THR D 92 -0.47 -17.22 -18.69
CA THR D 92 -1.37 -18.23 -19.20
C THR D 92 -2.00 -17.76 -20.49
N ASP D 93 -2.08 -18.67 -21.47
CA ASP D 93 -2.68 -18.36 -22.76
C ASP D 93 -4.17 -18.14 -22.61
N SER D 94 -4.81 -17.77 -23.73
CA SER D 94 -6.26 -17.85 -23.79
C SER D 94 -6.73 -19.28 -23.95
N VAL D 95 -5.85 -20.19 -24.37
CA VAL D 95 -6.17 -21.61 -24.40
C VAL D 95 -6.37 -22.12 -22.98
N GLY D 96 -5.38 -21.90 -22.11
CA GLY D 96 -5.51 -22.33 -20.72
C GLY D 96 -6.57 -21.56 -19.97
N ALA D 97 -6.77 -20.29 -20.29
CA ALA D 97 -7.80 -19.50 -19.63
C ALA D 97 -9.18 -20.04 -19.96
N GLN D 98 -9.39 -20.50 -21.20
CA GLN D 98 -10.66 -21.12 -21.56
C GLN D 98 -10.89 -22.40 -20.77
N GLN D 99 -9.82 -23.16 -20.53
CA GLN D 99 -9.96 -24.39 -19.75
C GLN D 99 -10.45 -24.10 -18.34
N ILE D 100 -9.88 -23.08 -17.70
CA ILE D 100 -10.26 -22.72 -16.34
C ILE D 100 -11.71 -22.23 -16.30
N ALA D 101 -12.17 -21.59 -17.38
CA ALA D 101 -13.49 -20.98 -17.38
C ALA D 101 -14.59 -22.02 -17.19
N GLU D 102 -14.67 -23.00 -18.10
CA GLU D 102 -15.71 -24.01 -17.98
C GLU D 102 -15.52 -24.89 -16.75
N HIS D 103 -14.28 -25.06 -16.28
CA HIS D 103 -14.07 -25.73 -15.01
C HIS D 103 -14.85 -25.03 -13.89
N ILE D 104 -14.84 -23.71 -13.90
CA ILE D 104 -15.70 -22.96 -12.98
C ILE D 104 -17.17 -23.20 -13.32
N ARG D 105 -17.49 -23.17 -14.61
CA ARG D 105 -18.88 -23.33 -15.03
C ARG D 105 -19.37 -24.75 -14.80
N ALA D 106 -18.52 -25.76 -15.04
CA ALA D 106 -18.94 -27.13 -14.81
C ALA D 106 -19.12 -27.41 -13.33
N ALA D 107 -18.24 -26.88 -12.49
CA ALA D 107 -18.37 -27.09 -11.05
C ALA D 107 -19.55 -26.32 -10.48
N VAL D 108 -19.74 -25.07 -10.93
CA VAL D 108 -20.86 -24.28 -10.41
C VAL D 108 -22.19 -24.83 -10.88
N GLU D 109 -22.20 -25.71 -11.88
CA GLU D 109 -23.41 -26.36 -12.38
C GLU D 109 -24.47 -25.36 -12.80
N SER D 124 -22.23 -17.28 -16.71
CA SER D 124 -21.74 -16.14 -17.48
C SER D 124 -20.29 -15.82 -17.12
N ILE D 125 -19.38 -15.99 -18.07
CA ILE D 125 -17.95 -15.76 -17.86
C ILE D 125 -17.42 -14.95 -19.03
N GLY D 126 -16.77 -13.83 -18.73
CA GLY D 126 -16.18 -12.98 -19.76
C GLY D 126 -14.67 -13.00 -19.75
N ILE D 127 -14.08 -13.69 -20.72
CA ILE D 127 -12.63 -13.90 -20.77
C ILE D 127 -11.98 -12.77 -21.56
N SER D 128 -10.81 -12.34 -21.10
CA SER D 128 -9.94 -11.44 -21.84
C SER D 128 -8.52 -11.98 -21.77
N THR D 129 -7.66 -11.49 -22.66
CA THR D 129 -6.29 -11.98 -22.69
C THR D 129 -5.40 -10.97 -23.39
N TRP D 130 -4.26 -10.67 -22.75
CA TRP D 130 -3.23 -9.81 -23.33
C TRP D 130 -2.09 -10.68 -23.83
N THR D 131 -1.66 -10.44 -25.07
CA THR D 131 -0.48 -11.08 -25.63
C THR D 131 0.52 -10.01 -26.06
N ALA D 132 1.75 -10.45 -26.33
CA ALA D 132 2.80 -9.52 -26.71
C ALA D 132 2.43 -8.73 -27.96
N THR D 133 1.66 -9.34 -28.86
CA THR D 133 1.25 -8.66 -30.09
C THR D 133 -0.01 -7.84 -29.92
N SER D 134 -0.75 -8.04 -28.82
CA SER D 134 -2.04 -7.39 -28.65
C SER D 134 -1.92 -5.88 -28.68
N GLU D 135 -0.95 -5.33 -27.94
CA GLU D 135 -0.72 -3.89 -27.86
C GLU D 135 -1.99 -3.16 -27.46
N ILE D 136 -2.67 -3.69 -26.44
CA ILE D 136 -3.91 -3.12 -25.94
C ILE D 136 -3.64 -2.48 -24.59
N SER D 137 -4.42 -1.46 -24.27
CA SER D 137 -4.30 -0.77 -23.00
C SER D 137 -4.73 -1.68 -21.85
N LEU D 138 -4.24 -1.35 -20.65
CA LEU D 138 -4.72 -2.02 -19.45
C LEU D 138 -6.22 -1.80 -19.28
N GLU D 139 -6.68 -0.57 -19.52
CA GLU D 139 -8.11 -0.28 -19.45
C GLU D 139 -8.88 -1.03 -20.51
N GLN D 140 -8.29 -1.23 -21.69
CA GLN D 140 -8.95 -1.98 -22.74
C GLN D 140 -9.10 -3.45 -22.38
N LEU D 141 -8.10 -4.02 -21.69
CA LEU D 141 -8.22 -5.40 -21.22
C LEU D 141 -9.37 -5.55 -20.24
N LEU D 142 -9.67 -4.50 -19.47
CA LEU D 142 -10.75 -4.58 -18.49
C LEU D 142 -12.12 -4.51 -19.16
N PHE D 143 -12.27 -3.63 -20.16
CA PHE D 143 -13.55 -3.53 -20.86
C PHE D 143 -13.84 -4.80 -21.66
N ALA D 144 -12.81 -5.35 -22.33
CA ALA D 144 -13.02 -6.52 -23.18
C ALA D 144 -13.58 -7.69 -22.37
N ALA D 145 -13.06 -7.91 -21.17
CA ALA D 145 -13.63 -8.94 -20.30
C ALA D 145 -15.02 -8.55 -19.85
N ASP D 146 -15.25 -7.26 -19.59
CA ASP D 146 -16.60 -6.80 -19.28
C ASP D 146 -17.49 -6.89 -20.51
N LYS D 147 -16.94 -6.59 -21.68
CA LYS D 147 -17.70 -6.71 -22.92
C LYS D 147 -18.04 -8.18 -23.20
N ALA D 148 -17.03 -9.05 -23.16
CA ALA D 148 -17.28 -10.47 -23.37
C ALA D 148 -18.22 -11.06 -22.32
N LEU D 149 -18.42 -10.35 -21.20
CA LEU D 149 -19.40 -10.78 -20.21
C LEU D 149 -20.78 -10.17 -20.48
N TYR D 150 -20.82 -8.91 -20.90
CA TYR D 150 -22.10 -8.30 -21.29
C TYR D 150 -22.73 -9.07 -22.43
N GLN D 151 -21.91 -9.59 -23.35
CA GLN D 151 -22.42 -10.45 -24.41
C GLN D 151 -22.74 -11.85 -23.88
N ALA D 152 -22.08 -12.27 -22.81
CA ALA D 152 -22.28 -13.63 -22.30
C ALA D 152 -23.70 -13.86 -21.80
N LYS D 153 -24.43 -12.79 -21.49
CA LYS D 153 -25.83 -12.94 -21.08
C LYS D 153 -26.68 -13.46 -22.24
N GLU D 154 -26.49 -12.89 -23.43
CA GLU D 154 -27.37 -13.18 -24.55
C GLU D 154 -27.22 -14.61 -25.04
N GLY D 155 -26.00 -15.14 -25.01
CA GLY D 155 -25.76 -16.50 -25.47
C GLY D 155 -26.12 -17.55 -24.44
N GLY D 156 -27.00 -17.20 -23.52
CA GLY D 156 -27.38 -18.08 -22.44
C GLY D 156 -26.69 -17.71 -21.14
N ARG D 157 -27.39 -17.91 -20.03
CA ARG D 157 -26.83 -17.58 -18.72
C ARG D 157 -25.51 -18.29 -18.48
N ASN D 158 -25.48 -19.61 -18.70
CA ASN D 158 -24.26 -20.39 -18.60
C ASN D 158 -23.58 -20.34 -19.98
N ARG D 159 -22.52 -19.53 -20.08
CA ARG D 159 -21.82 -19.38 -21.36
C ARG D 159 -20.45 -18.79 -21.09
N VAL D 160 -19.41 -19.48 -21.57
CA VAL D 160 -18.04 -18.97 -21.52
C VAL D 160 -17.75 -18.28 -22.85
N VAL D 161 -17.48 -16.98 -22.80
CA VAL D 161 -17.38 -16.15 -23.99
C VAL D 161 -16.03 -15.44 -23.99
N VAL D 162 -15.22 -15.72 -25.02
CA VAL D 162 -13.93 -15.06 -25.21
C VAL D 162 -14.20 -13.73 -25.91
N ALA D 163 -13.20 -12.84 -25.92
CA ALA D 163 -13.35 -11.51 -26.48
C ALA D 163 -12.76 -11.44 -27.87
N ALA D 164 -13.00 -10.30 -28.53
CA ALA D 164 -12.54 -10.06 -29.90
C ALA D 164 -11.02 -10.01 -29.97
#